data_6ERE
#
_entry.id   6ERE
#
_cell.length_a   63.841
_cell.length_b   113.374
_cell.length_c   117.304
_cell.angle_alpha   90.00
_cell.angle_beta   90.00
_cell.angle_gamma   90.00
#
_symmetry.space_group_name_H-M   'C 2 2 21'
#
loop_
_entity.id
_entity.type
_entity.pdbx_description
1 polymer colicin
2 polymer Immunity
3 non-polymer 'PHOSPHATE ION'
4 water water
#
loop_
_entity_poly.entity_id
_entity_poly.type
_entity_poly.pdbx_seq_one_letter_code
_entity_poly.pdbx_strand_id
1 'polypeptide(L)'
;MESKRNKPGKATGKGKPVGDKWLDDAGKDSGAPIPDRIADKLRDKEFKNFDDFRKKFWKEVAKDPDLAKQFSKANQRNIK
DGNAPFARESDQVGGRTTYELHHDKPISQDGGVYDMNNIRVTTPKRAIDIHRGK
;
B,A
2 'polypeptide(L)'
;MELKHSISDYTEAEFLEFVKDIFRLSRPQDNDLQIKLVLEFKRLTEHPDGSDLIYYPRSDREDSPEGIVKEIKEWRAANG
KSGFKQGLEHHHHHH
;
C,D
#
loop_
_chem_comp.id
_chem_comp.type
_chem_comp.name
_chem_comp.formula
PO4 non-polymer 'PHOSPHATE ION' 'O4 P -3'
#
# COMPACT_ATOMS: atom_id res chain seq x y z
N LYS A 4 2.07 -1.26 7.61
CA LYS A 4 1.86 -2.39 6.68
C LYS A 4 2.39 -2.09 5.29
N ARG A 5 2.52 -3.19 4.55
CA ARG A 5 2.79 -3.22 3.12
C ARG A 5 1.93 -2.25 2.32
N ASN A 6 0.64 -2.07 2.68
CA ASN A 6 -0.29 -1.25 1.88
C ASN A 6 -0.22 0.29 2.05
N LYS A 7 0.57 0.78 2.99
CA LYS A 7 0.67 2.22 3.24
C LYS A 7 1.87 2.85 2.51
N PRO A 8 1.64 3.94 1.76
CA PRO A 8 2.76 4.60 1.08
C PRO A 8 3.89 5.02 2.02
N GLY A 9 5.08 5.12 1.48
CA GLY A 9 6.21 5.69 2.25
C GLY A 9 7.48 5.77 1.40
N LYS A 10 8.59 6.07 2.06
CA LYS A 10 9.84 6.46 1.40
C LYS A 10 10.88 5.38 1.70
N ALA A 11 11.69 4.98 0.71
CA ALA A 11 12.68 3.89 0.93
C ALA A 11 13.90 4.47 1.55
N THR A 12 14.59 3.70 2.38
CA THR A 12 15.76 4.17 3.10
C THR A 12 16.83 3.07 3.12
N GLY A 13 18.05 3.44 3.45
CA GLY A 13 19.13 2.49 3.68
C GLY A 13 20.01 2.20 2.46
N LYS A 14 21.02 1.38 2.71
CA LYS A 14 22.18 1.28 1.84
C LYS A 14 22.26 -0.02 1.07
N GLY A 15 21.70 -1.11 1.59
CA GLY A 15 21.92 -2.44 0.99
C GLY A 15 23.34 -2.90 1.20
N LYS A 16 23.79 -3.85 0.37
CA LYS A 16 25.13 -4.47 0.49
C LYS A 16 25.77 -4.63 -0.86
N PRO A 17 27.13 -4.63 -0.90
CA PRO A 17 27.76 -4.94 -2.15
C PRO A 17 27.46 -6.37 -2.47
N VAL A 18 27.50 -6.65 -3.75
CA VAL A 18 26.99 -7.88 -4.29
C VAL A 18 27.83 -8.17 -5.55
N GLY A 19 27.93 -9.43 -5.99
CA GLY A 19 28.68 -9.77 -7.22
C GLY A 19 27.92 -10.62 -8.23
N ASP A 20 28.66 -11.41 -8.97
CA ASP A 20 28.08 -12.29 -9.96
C ASP A 20 27.21 -13.46 -9.41
N LYS A 21 27.34 -13.78 -8.12
CA LYS A 21 26.65 -14.92 -7.46
C LYS A 21 25.50 -14.44 -6.55
N TRP A 22 25.12 -13.17 -6.70
CA TRP A 22 24.01 -12.59 -5.93
C TRP A 22 22.74 -13.44 -5.94
N LEU A 23 22.27 -13.78 -7.14
CA LEU A 23 21.01 -14.47 -7.28
C LEU A 23 21.11 -15.87 -6.67
N ASP A 24 22.27 -16.48 -6.86
CA ASP A 24 22.61 -17.74 -6.23
C ASP A 24 22.40 -17.72 -4.67
N ASP A 25 22.94 -16.68 -4.04
CA ASP A 25 22.75 -16.46 -2.60
C ASP A 25 21.29 -16.34 -2.18
N ALA A 26 20.41 -15.89 -3.07
CA ALA A 26 18.99 -15.77 -2.76
C ALA A 26 18.37 -17.10 -2.43
N GLY A 27 18.99 -18.15 -2.94
CA GLY A 27 18.55 -19.52 -2.75
C GLY A 27 19.23 -20.21 -1.61
N LYS A 28 19.96 -19.47 -0.80
CA LYS A 28 20.64 -20.02 0.36
C LYS A 28 20.07 -19.32 1.62
N ASP A 29 20.49 -19.76 2.81
CA ASP A 29 19.90 -19.32 4.08
C ASP A 29 19.95 -17.81 4.25
N SER A 30 18.80 -17.21 4.54
CA SER A 30 18.63 -15.76 4.75
C SER A 30 18.57 -14.98 3.42
N GLY A 31 18.59 -15.70 2.28
CA GLY A 31 18.57 -15.11 0.96
C GLY A 31 19.69 -14.13 0.69
N ALA A 32 19.40 -13.11 -0.10
CA ALA A 32 20.42 -12.18 -0.54
C ALA A 32 20.00 -10.76 -0.16
N PRO A 33 20.98 -9.87 0.01
CA PRO A 33 20.68 -8.45 0.31
C PRO A 33 20.14 -7.68 -0.91
N ILE A 34 19.52 -6.53 -0.68
CA ILE A 34 19.26 -5.56 -1.74
C ILE A 34 20.63 -5.06 -2.19
N PRO A 35 20.92 -5.13 -3.49
CA PRO A 35 22.26 -4.67 -3.88
C PRO A 35 22.45 -3.17 -3.61
N ASP A 36 23.61 -2.80 -3.09
CA ASP A 36 23.85 -1.39 -2.76
C ASP A 36 23.63 -0.42 -3.93
N ARG A 37 24.03 -0.81 -5.13
CA ARG A 37 23.78 0.06 -6.29
C ARG A 37 22.27 0.23 -6.70
N ILE A 38 21.44 -0.74 -6.34
CA ILE A 38 20.00 -0.61 -6.50
C ILE A 38 19.44 0.25 -5.37
N ALA A 39 19.91 0.05 -4.15
CA ALA A 39 19.49 0.92 -3.07
C ALA A 39 19.74 2.38 -3.43
N ASP A 40 20.92 2.68 -3.97
CA ASP A 40 21.24 4.08 -4.39
C ASP A 40 20.16 4.68 -5.28
N LYS A 41 19.55 3.87 -6.15
CA LYS A 41 18.49 4.34 -7.06
C LYS A 41 17.14 4.49 -6.43
N LEU A 42 16.85 3.70 -5.40
CA LEU A 42 15.56 3.72 -4.75
C LEU A 42 15.48 4.60 -3.48
N ARG A 43 16.64 5.05 -2.99
CA ARG A 43 16.78 5.50 -1.59
C ARG A 43 15.89 6.61 -1.13
N ASP A 44 15.66 7.66 -1.86
CA ASP A 44 14.75 8.62 -1.21
C ASP A 44 13.49 8.80 -2.02
N LYS A 45 13.02 7.74 -2.66
CA LYS A 45 11.88 7.86 -3.55
C LYS A 45 10.69 7.48 -2.72
N GLU A 46 9.53 7.94 -3.16
CA GLU A 46 8.27 7.70 -2.47
C GLU A 46 7.58 6.53 -3.15
N PHE A 47 7.09 5.56 -2.38
CA PHE A 47 6.33 4.40 -2.91
C PHE A 47 4.86 4.35 -2.47
N LYS A 48 3.99 3.94 -3.39
CA LYS A 48 2.54 3.86 -3.12
C LYS A 48 2.23 2.74 -2.13
N ASN A 49 2.99 1.64 -2.22
CA ASN A 49 2.84 0.47 -1.35
C ASN A 49 4.02 -0.48 -1.55
N PHE A 50 4.06 -1.62 -0.88
CA PHE A 50 5.17 -2.51 -1.02
C PHE A 50 5.20 -3.10 -2.43
N ASP A 51 4.05 -3.50 -2.94
CA ASP A 51 3.88 -3.95 -4.31
C ASP A 51 4.52 -3.02 -5.33
N ASP A 52 4.38 -1.72 -5.11
CA ASP A 52 4.97 -0.69 -5.99
C ASP A 52 6.52 -0.70 -5.85
N PHE A 53 7.00 -0.79 -4.59
CA PHE A 53 8.41 -1.02 -4.32
C PHE A 53 9.01 -2.24 -5.06
N ARG A 54 8.38 -3.39 -4.91
CA ARG A 54 8.81 -4.60 -5.56
C ARG A 54 8.92 -4.45 -7.05
N LYS A 55 7.93 -3.82 -7.66
CA LYS A 55 7.88 -3.65 -9.10
C LYS A 55 9.07 -2.82 -9.54
N LYS A 56 9.29 -1.71 -8.83
CA LYS A 56 10.39 -0.83 -9.19
C LYS A 56 11.73 -1.46 -8.82
N PHE A 57 11.80 -2.31 -7.78
CA PHE A 57 13.02 -3.00 -7.46
C PHE A 57 13.45 -3.83 -8.67
N TRP A 58 12.52 -4.64 -9.19
CA TRP A 58 12.88 -5.62 -10.21
C TRP A 58 13.28 -4.85 -11.48
N LYS A 59 12.56 -3.78 -11.77
CA LYS A 59 12.90 -2.94 -12.88
C LYS A 59 14.31 -2.36 -12.77
N GLU A 60 14.72 -1.88 -11.61
CA GLU A 60 16.12 -1.48 -11.40
C GLU A 60 17.13 -2.68 -11.54
N VAL A 61 16.73 -3.88 -11.12
CA VAL A 61 17.61 -5.04 -11.31
C VAL A 61 17.87 -5.23 -12.83
N ALA A 62 16.82 -5.09 -13.64
CA ALA A 62 16.92 -5.21 -15.10
C ALA A 62 17.86 -4.23 -15.74
N LYS A 63 17.99 -3.03 -15.21
CA LYS A 63 18.77 -1.96 -15.83
C LYS A 63 20.24 -2.06 -15.43
N ASP A 64 20.58 -3.01 -14.58
CA ASP A 64 21.92 -3.15 -14.06
C ASP A 64 22.47 -4.41 -14.69
N PRO A 65 23.34 -4.27 -15.71
CA PRO A 65 23.73 -5.38 -16.54
C PRO A 65 24.31 -6.58 -15.77
N ASP A 66 25.01 -6.32 -14.68
CA ASP A 66 25.66 -7.39 -13.90
C ASP A 66 24.72 -8.16 -13.00
N LEU A 67 23.47 -7.69 -12.84
CA LEU A 67 22.44 -8.44 -12.14
C LEU A 67 21.61 -9.12 -13.17
N ALA A 68 21.19 -8.38 -14.21
CA ALA A 68 20.32 -8.90 -15.28
C ALA A 68 20.92 -10.06 -16.01
N LYS A 69 22.24 -10.06 -16.12
CA LYS A 69 22.92 -11.18 -16.73
C LYS A 69 22.75 -12.42 -15.92
N GLN A 70 22.28 -12.36 -14.65
CA GLN A 70 22.20 -13.61 -13.82
C GLN A 70 20.96 -14.43 -14.09
N PHE A 71 20.07 -13.90 -14.93
CA PHE A 71 18.76 -14.47 -15.22
C PHE A 71 18.75 -14.95 -16.66
N SER A 72 17.95 -15.94 -16.96
CA SER A 72 17.67 -16.34 -18.34
C SER A 72 16.88 -15.24 -19.07
N LYS A 73 16.66 -15.41 -20.39
CA LYS A 73 16.01 -14.40 -21.21
C LYS A 73 14.52 -14.17 -20.84
N ALA A 74 13.82 -15.25 -20.54
CA ALA A 74 12.45 -15.17 -20.10
C ALA A 74 12.39 -14.43 -18.78
N ASN A 75 13.32 -14.73 -17.87
CA ASN A 75 13.33 -14.01 -16.59
C ASN A 75 13.77 -12.58 -16.73
N GLN A 76 14.67 -12.29 -17.68
CA GLN A 76 15.02 -10.87 -17.97
C GLN A 76 13.81 -10.05 -18.43
N ARG A 77 12.94 -10.68 -19.21
CA ARG A 77 11.67 -10.07 -19.64
C ARG A 77 10.76 -9.78 -18.47
N ASN A 78 10.61 -10.74 -17.55
CA ASN A 78 9.90 -10.56 -16.30
C ASN A 78 10.41 -9.33 -15.56
N ILE A 79 11.70 -9.29 -15.27
CA ILE A 79 12.23 -8.21 -14.43
C ILE A 79 12.22 -6.87 -15.12
N LYS A 80 12.36 -6.84 -16.43
CA LYS A 80 12.23 -5.58 -17.21
C LYS A 80 10.82 -4.97 -17.01
N ASP A 81 9.82 -5.84 -16.83
CA ASP A 81 8.43 -5.43 -16.60
C ASP A 81 8.05 -5.28 -15.11
N GLY A 82 8.99 -5.46 -14.18
CA GLY A 82 8.67 -5.30 -12.78
C GLY A 82 8.00 -6.53 -12.18
N ASN A 83 8.08 -7.66 -12.89
CA ASN A 83 7.48 -8.90 -12.44
C ASN A 83 8.59 -9.75 -11.85
N ALA A 84 8.30 -10.36 -10.71
CA ALA A 84 9.29 -11.11 -9.96
C ALA A 84 9.68 -12.32 -10.83
N PRO A 85 10.96 -12.71 -10.84
CA PRO A 85 11.32 -13.82 -11.72
C PRO A 85 10.96 -15.19 -11.17
N PHE A 86 10.67 -16.09 -12.09
CA PHE A 86 10.36 -17.48 -11.82
C PHE A 86 11.54 -18.16 -11.15
N ALA A 87 11.30 -18.88 -10.06
CA ALA A 87 12.38 -19.67 -9.43
C ALA A 87 12.52 -21.03 -10.08
N ARG A 88 13.66 -21.68 -9.83
CA ARG A 88 13.92 -23.08 -10.26
C ARG A 88 12.93 -23.94 -9.59
N GLU A 89 12.53 -25.00 -10.25
CA GLU A 89 11.58 -25.99 -9.69
C GLU A 89 11.94 -26.47 -8.28
N SER A 90 13.21 -26.79 -8.02
CA SER A 90 13.65 -27.25 -6.70
C SER A 90 13.52 -26.23 -5.56
N ASP A 91 13.40 -24.94 -5.91
CA ASP A 91 13.28 -23.83 -4.98
C ASP A 91 11.86 -23.37 -4.80
N GLN A 92 10.95 -24.01 -5.51
CA GLN A 92 9.55 -23.61 -5.48
C GLN A 92 8.86 -24.33 -4.32
N VAL A 93 7.83 -23.71 -3.79
CA VAL A 93 7.03 -24.33 -2.77
C VAL A 93 5.57 -24.23 -3.18
N GLY A 94 5.10 -25.35 -3.73
CA GLY A 94 3.76 -25.51 -4.26
C GLY A 94 3.33 -24.40 -5.19
N GLY A 95 2.55 -23.47 -4.62
CA GLY A 95 1.99 -22.33 -5.36
C GLY A 95 2.94 -21.18 -5.63
N ARG A 96 4.02 -21.11 -4.87
CA ARG A 96 4.91 -19.96 -4.90
C ARG A 96 6.05 -20.25 -5.81
N THR A 97 6.02 -19.57 -6.96
CA THR A 97 6.90 -19.85 -8.07
C THR A 97 8.00 -18.83 -8.31
N THR A 98 7.91 -17.67 -7.69
CA THR A 98 8.79 -16.59 -7.96
C THR A 98 9.66 -16.24 -6.75
N TYR A 99 10.79 -15.59 -7.03
CA TYR A 99 11.56 -14.92 -6.03
C TYR A 99 10.72 -13.91 -5.28
N GLU A 100 10.95 -13.81 -3.99
CA GLU A 100 10.13 -12.97 -3.12
C GLU A 100 11.01 -12.02 -2.35
N LEU A 101 10.44 -10.92 -1.93
CA LEU A 101 11.09 -10.03 -1.01
C LEU A 101 10.46 -10.15 0.41
N HIS A 102 11.34 -10.24 1.43
CA HIS A 102 10.96 -10.44 2.82
C HIS A 102 11.79 -9.59 3.78
N HIS A 103 11.19 -9.25 4.90
CA HIS A 103 11.80 -8.41 5.91
C HIS A 103 12.49 -9.28 6.94
N ASP A 104 13.67 -8.83 7.32
CA ASP A 104 14.63 -9.44 8.23
C ASP A 104 14.30 -9.32 9.70
N LYS A 105 13.80 -8.15 10.08
CA LYS A 105 13.63 -7.72 11.45
C LYS A 105 12.17 -7.38 11.62
N PRO A 106 11.65 -7.42 12.85
CA PRO A 106 10.26 -6.92 13.01
C PRO A 106 10.19 -5.45 12.63
N ILE A 107 9.12 -5.02 11.98
CA ILE A 107 8.98 -3.60 11.60
C ILE A 107 8.63 -2.84 12.89
N SER A 108 9.51 -1.94 13.30
CA SER A 108 9.30 -1.17 14.52
C SER A 108 8.63 0.20 14.26
N GLN A 109 9.12 0.93 13.24
CA GLN A 109 8.80 2.35 13.04
C GLN A 109 8.14 2.60 11.68
N ASP A 110 7.69 3.84 11.51
CA ASP A 110 6.98 4.29 10.30
C ASP A 110 7.96 4.33 9.13
N GLY A 111 7.57 3.72 8.01
CA GLY A 111 8.44 3.55 6.84
C GLY A 111 9.42 2.38 6.94
N GLY A 112 9.30 1.54 7.98
CA GLY A 112 10.18 0.39 8.15
C GLY A 112 9.96 -0.71 7.12
N VAL A 113 8.76 -0.77 6.55
CA VAL A 113 8.47 -1.59 5.41
C VAL A 113 9.45 -1.36 4.23
N TYR A 114 9.94 -0.13 4.05
CA TYR A 114 10.87 0.24 3.01
C TYR A 114 12.32 0.47 3.42
N ASP A 115 12.76 -0.16 4.49
CA ASP A 115 14.15 -0.13 4.87
C ASP A 115 14.92 -1.26 4.18
N MET A 116 15.76 -0.89 3.22
CA MET A 116 16.47 -1.78 2.33
C MET A 116 17.68 -2.42 2.98
N ASN A 117 18.04 -1.92 4.17
CA ASN A 117 18.92 -2.67 5.08
C ASN A 117 18.29 -3.98 5.58
N ASN A 118 16.95 -4.07 5.68
CA ASN A 118 16.24 -5.19 6.31
C ASN A 118 15.39 -6.03 5.33
N ILE A 119 15.47 -5.77 4.03
CA ILE A 119 14.80 -6.60 3.01
C ILE A 119 15.77 -7.62 2.38
N ARG A 120 15.34 -8.87 2.31
CA ARG A 120 16.07 -9.93 1.62
C ARG A 120 15.23 -10.47 0.44
N VAL A 121 15.95 -10.77 -0.64
CA VAL A 121 15.45 -11.40 -1.83
C VAL A 121 15.67 -12.89 -1.58
N THR A 122 14.61 -13.70 -1.69
CA THR A 122 14.66 -15.14 -1.42
C THR A 122 13.95 -15.96 -2.46
N THR A 123 14.40 -17.21 -2.63
CA THR A 123 13.57 -18.20 -3.28
C THR A 123 12.35 -18.43 -2.38
N PRO A 124 11.28 -19.00 -2.91
CA PRO A 124 10.14 -19.37 -2.03
C PRO A 124 10.56 -20.33 -0.91
N LYS A 125 11.48 -21.22 -1.23
CA LYS A 125 11.92 -22.24 -0.27
C LYS A 125 12.64 -21.62 0.93
N ARG A 126 13.32 -20.51 0.72
CA ARG A 126 14.09 -19.81 1.77
C ARG A 126 13.34 -18.72 2.47
N ALA A 127 12.15 -18.41 2.03
CA ALA A 127 11.38 -17.38 2.67
C ALA A 127 11.03 -17.76 4.11
N ILE A 128 10.62 -19.00 4.28
CA ILE A 128 10.28 -19.56 5.58
C ILE A 128 11.28 -19.17 6.60
N ASP A 129 12.54 -19.24 6.24
CA ASP A 129 13.71 -18.89 7.04
C ASP A 129 14.58 -20.05 7.57
N GLU B 2 -12.01 -27.31 -31.72
CA GLU B 2 -11.47 -28.68 -31.96
C GLU B 2 -10.21 -28.89 -31.03
N LEU B 3 -10.41 -28.83 -29.73
CA LEU B 3 -9.34 -28.45 -28.77
C LEU B 3 -8.17 -29.42 -28.58
N LYS B 4 -6.97 -28.85 -28.37
CA LYS B 4 -5.73 -29.60 -28.18
C LYS B 4 -5.55 -30.02 -26.73
N HIS B 5 -5.20 -31.29 -26.51
CA HIS B 5 -5.05 -31.85 -25.16
C HIS B 5 -3.69 -32.48 -24.91
N SER B 6 -3.01 -32.97 -25.94
CA SER B 6 -1.69 -33.50 -25.80
C SER B 6 -0.76 -32.77 -26.75
N ILE B 7 0.52 -33.01 -26.57
CA ILE B 7 1.53 -32.36 -27.37
C ILE B 7 1.53 -32.81 -28.85
N SER B 8 1.08 -34.04 -29.10
CA SER B 8 0.80 -34.54 -30.46
C SER B 8 -0.27 -33.82 -31.20
N ASP B 9 -1.08 -33.01 -30.53
CA ASP B 9 -2.05 -32.19 -31.23
C ASP B 9 -1.49 -30.88 -31.76
N TYR B 10 -0.27 -30.55 -31.35
CA TYR B 10 0.40 -29.36 -31.80
C TYR B 10 1.34 -29.69 -32.96
N THR B 11 1.30 -28.89 -34.02
CA THR B 11 2.47 -28.83 -34.89
C THR B 11 3.60 -28.16 -34.12
N GLU B 12 4.82 -28.37 -34.59
CA GLU B 12 5.99 -27.74 -33.99
C GLU B 12 5.85 -26.18 -33.94
N ALA B 13 5.44 -25.57 -35.05
CA ALA B 13 5.30 -24.12 -35.10
C ALA B 13 4.22 -23.64 -34.13
N GLU B 14 3.21 -24.46 -33.90
CA GLU B 14 2.16 -24.11 -32.96
C GLU B 14 2.69 -24.17 -31.52
N PHE B 15 3.46 -25.20 -31.22
CA PHE B 15 3.99 -25.29 -29.89
C PHE B 15 5.08 -24.25 -29.65
N LEU B 16 5.89 -23.96 -30.68
CA LEU B 16 6.80 -22.82 -30.65
C LEU B 16 6.10 -21.49 -30.31
N GLU B 17 5.03 -21.19 -30.97
CA GLU B 17 4.28 -19.97 -30.69
C GLU B 17 3.73 -19.96 -29.23
N PHE B 18 3.33 -21.14 -28.74
CA PHE B 18 2.85 -21.32 -27.40
C PHE B 18 3.93 -20.95 -26.39
N VAL B 19 5.16 -21.43 -26.65
CA VAL B 19 6.29 -21.09 -25.82
C VAL B 19 6.68 -19.59 -25.88
N LYS B 20 6.59 -19.01 -27.07
CA LYS B 20 6.78 -17.56 -27.24
C LYS B 20 5.78 -16.75 -26.43
N ASP B 21 4.52 -17.24 -26.37
CA ASP B 21 3.51 -16.63 -25.56
C ASP B 21 3.89 -16.60 -24.12
N ILE B 22 4.43 -17.72 -23.61
CA ILE B 22 4.95 -17.74 -22.24
C ILE B 22 6.00 -16.63 -21.98
N PHE B 23 6.97 -16.51 -22.88
CA PHE B 23 8.03 -15.49 -22.75
C PHE B 23 7.45 -14.07 -22.70
N ARG B 24 6.41 -13.82 -23.52
CA ARG B 24 5.72 -12.54 -23.60
C ARG B 24 4.77 -12.20 -22.47
N LEU B 25 4.37 -13.15 -21.66
CA LEU B 25 3.47 -12.88 -20.53
C LEU B 25 4.28 -12.54 -19.26
N SER B 26 5.10 -11.51 -19.38
CA SER B 26 6.06 -11.12 -18.35
C SER B 26 5.61 -9.92 -17.50
N ARG B 27 4.42 -9.41 -17.75
CA ARG B 27 3.85 -8.26 -17.05
C ARG B 27 3.20 -8.79 -15.76
N PRO B 28 3.31 -8.05 -14.66
CA PRO B 28 2.65 -8.44 -13.42
C PRO B 28 1.14 -8.67 -13.56
N GLN B 29 0.51 -7.96 -14.50
CA GLN B 29 -0.94 -8.08 -14.72
C GLN B 29 -1.34 -9.42 -15.35
N ASP B 30 -0.38 -10.16 -15.89
CA ASP B 30 -0.56 -11.42 -16.55
C ASP B 30 -0.16 -12.63 -15.75
N ASN B 31 0.26 -12.44 -14.49
CA ASN B 31 0.72 -13.59 -13.63
C ASN B 31 -0.14 -14.87 -13.71
N ASP B 32 -1.46 -14.70 -13.70
CA ASP B 32 -2.39 -15.84 -13.65
C ASP B 32 -2.30 -16.61 -14.94
N LEU B 33 -2.38 -15.92 -16.06
CA LEU B 33 -2.26 -16.63 -17.34
C LEU B 33 -0.87 -17.25 -17.48
N GLN B 34 0.16 -16.53 -17.03
CA GLN B 34 1.57 -17.02 -17.11
C GLN B 34 1.73 -18.36 -16.38
N ILE B 35 1.33 -18.43 -15.11
CA ILE B 35 1.41 -19.65 -14.34
C ILE B 35 0.59 -20.75 -15.01
N LYS B 36 -0.61 -20.44 -15.53
CA LYS B 36 -1.45 -21.46 -16.16
C LYS B 36 -0.80 -22.00 -17.42
N LEU B 37 -0.19 -21.14 -18.23
CA LEU B 37 0.47 -21.65 -19.41
C LEU B 37 1.74 -22.43 -19.09
N VAL B 38 2.42 -22.09 -17.99
CA VAL B 38 3.60 -22.85 -17.52
C VAL B 38 3.17 -24.23 -17.03
N LEU B 39 2.07 -24.30 -16.27
CA LEU B 39 1.47 -25.60 -15.89
C LEU B 39 1.12 -26.44 -17.12
N GLU B 40 0.37 -25.88 -18.04
CA GLU B 40 0.05 -26.62 -19.21
C GLU B 40 1.34 -27.06 -19.93
N PHE B 41 2.35 -26.20 -19.97
CA PHE B 41 3.60 -26.59 -20.63
C PHE B 41 4.23 -27.80 -20.01
N LYS B 42 4.15 -27.87 -18.68
CA LYS B 42 4.74 -28.95 -17.93
C LYS B 42 3.98 -30.23 -18.17
N ARG B 43 2.65 -30.13 -18.22
CA ARG B 43 1.75 -31.25 -18.49
C ARG B 43 1.98 -31.79 -19.92
N LEU B 44 2.06 -30.91 -20.91
CA LEU B 44 2.18 -31.35 -22.34
C LEU B 44 3.53 -31.96 -22.66
N THR B 45 4.59 -31.36 -22.16
CA THR B 45 5.92 -31.83 -22.42
C THR B 45 6.21 -33.08 -21.60
N GLU B 46 5.77 -33.05 -20.34
CA GLU B 46 6.09 -34.12 -19.43
C GLU B 46 7.61 -34.19 -19.21
N HIS B 47 8.33 -33.12 -19.51
CA HIS B 47 9.83 -33.17 -19.46
C HIS B 47 10.17 -33.12 -17.97
N PRO B 48 11.30 -33.73 -17.55
CA PRO B 48 11.45 -33.80 -16.07
C PRO B 48 11.99 -32.50 -15.39
N ASP B 49 12.72 -31.70 -16.16
CA ASP B 49 13.03 -30.34 -15.78
C ASP B 49 11.80 -29.39 -15.66
N GLY B 50 10.61 -29.72 -16.20
CA GLY B 50 9.45 -28.82 -16.06
C GLY B 50 9.77 -27.36 -16.43
N SER B 51 9.56 -26.43 -15.50
CA SER B 51 9.60 -25.00 -15.83
C SER B 51 11.02 -24.56 -16.07
N ASP B 52 11.99 -25.35 -15.58
CA ASP B 52 13.39 -25.01 -15.81
C ASP B 52 13.83 -24.96 -17.27
N LEU B 53 13.18 -25.71 -18.14
CA LEU B 53 13.45 -25.61 -19.57
C LEU B 53 13.27 -24.19 -20.08
N ILE B 54 12.31 -23.47 -19.49
CA ILE B 54 12.08 -22.08 -19.86
C ILE B 54 13.05 -21.19 -19.13
N TYR B 55 13.04 -21.28 -17.80
CA TYR B 55 13.65 -20.24 -16.97
C TYR B 55 15.08 -20.51 -16.49
N TYR B 56 15.50 -21.77 -16.50
CA TYR B 56 16.85 -22.21 -16.11
C TYR B 56 17.37 -23.18 -17.16
N PRO B 57 17.47 -22.74 -18.43
CA PRO B 57 17.86 -23.66 -19.50
C PRO B 57 19.29 -24.18 -19.30
N ARG B 58 19.60 -25.37 -19.81
CA ARG B 58 21.02 -25.78 -19.97
C ARG B 58 21.77 -24.85 -20.88
N SER B 59 23.06 -24.68 -20.59
CA SER B 59 23.85 -23.59 -21.16
C SER B 59 24.33 -23.83 -22.58
N ASP B 60 24.37 -25.08 -23.03
CA ASP B 60 24.94 -25.40 -24.38
C ASP B 60 23.86 -25.55 -25.50
N ARG B 61 22.68 -24.96 -25.31
CA ARG B 61 21.75 -24.75 -26.42
C ARG B 61 21.19 -23.34 -26.29
N GLU B 62 20.50 -22.89 -27.31
CA GLU B 62 20.03 -21.51 -27.38
C GLU B 62 18.97 -21.20 -26.30
N ASP B 63 19.12 -20.07 -25.64
CA ASP B 63 18.18 -19.65 -24.59
C ASP B 63 17.12 -18.85 -25.32
N SER B 64 16.17 -19.56 -25.91
CA SER B 64 15.12 -18.96 -26.71
C SER B 64 13.97 -19.98 -26.79
N PRO B 65 12.79 -19.53 -27.20
CA PRO B 65 11.73 -20.52 -27.38
C PRO B 65 12.07 -21.63 -28.43
N GLU B 66 12.81 -21.24 -29.47
CA GLU B 66 13.35 -22.12 -30.51
C GLU B 66 14.26 -23.21 -29.93
N GLY B 67 15.18 -22.84 -29.03
CA GLY B 67 16.03 -23.79 -28.33
C GLY B 67 15.22 -24.69 -27.39
N ILE B 68 14.18 -24.17 -26.77
CA ILE B 68 13.32 -25.00 -25.92
C ILE B 68 12.59 -26.08 -26.73
N VAL B 69 12.08 -25.70 -27.90
CA VAL B 69 11.34 -26.65 -28.70
C VAL B 69 12.28 -27.77 -29.21
N LYS B 70 13.49 -27.41 -29.62
CA LYS B 70 14.46 -28.35 -30.12
C LYS B 70 14.82 -29.34 -29.01
N GLU B 71 15.14 -28.87 -27.80
CA GLU B 71 15.41 -29.78 -26.68
C GLU B 71 14.22 -30.70 -26.35
N ILE B 72 13.00 -30.16 -26.39
CA ILE B 72 11.80 -30.98 -26.20
C ILE B 72 11.59 -32.03 -27.32
N LYS B 73 11.77 -31.62 -28.57
CA LYS B 73 11.68 -32.56 -29.69
C LYS B 73 12.73 -33.69 -29.50
N GLU B 74 14.00 -33.32 -29.29
CA GLU B 74 15.07 -34.29 -29.15
C GLU B 74 14.87 -35.19 -27.96
N TRP B 75 14.39 -34.66 -26.85
CA TRP B 75 14.13 -35.46 -25.66
C TRP B 75 13.00 -36.46 -25.86
N ARG B 76 11.86 -35.99 -26.39
CA ARG B 76 10.69 -36.86 -26.60
C ARG B 76 11.02 -37.95 -27.62
N ALA B 77 11.69 -37.59 -28.71
CA ALA B 77 12.26 -38.59 -29.64
C ALA B 77 13.01 -39.71 -28.92
N ALA B 78 14.09 -39.35 -28.23
CA ALA B 78 15.00 -40.34 -27.61
C ALA B 78 14.45 -41.17 -26.42
N ASN B 79 13.30 -40.80 -25.87
CA ASN B 79 12.57 -41.62 -24.87
C ASN B 79 11.29 -42.31 -25.43
N GLY B 80 11.30 -42.56 -26.76
CA GLY B 80 10.19 -43.15 -27.48
C GLY B 80 8.79 -42.62 -27.17
N LYS B 81 8.67 -41.32 -26.98
CA LYS B 81 7.37 -40.70 -26.71
C LYS B 81 6.85 -40.03 -27.98
N SER B 82 5.51 -39.91 -28.07
CA SER B 82 4.84 -39.32 -29.23
C SER B 82 5.34 -37.90 -29.50
N GLY B 83 5.53 -37.52 -30.76
CA GLY B 83 6.14 -36.23 -31.14
C GLY B 83 5.13 -35.16 -31.48
N PHE B 84 5.59 -34.07 -32.14
CA PHE B 84 4.65 -33.06 -32.71
C PHE B 84 3.91 -33.57 -33.95
N LYS B 85 2.66 -33.14 -34.15
CA LYS B 85 1.96 -33.35 -35.40
C LYS B 85 2.87 -32.82 -36.51
N GLN B 86 3.13 -33.69 -37.49
CA GLN B 86 4.21 -33.52 -38.47
C GLN B 86 3.77 -32.59 -39.61
N GLY B 87 4.74 -31.85 -40.18
CA GLY B 87 4.47 -30.87 -41.29
C GLY B 87 3.52 -29.75 -40.83
N LEU B 88 2.30 -29.70 -41.39
CA LEU B 88 1.09 -29.29 -40.61
C LEU B 88 0.12 -30.48 -40.56
N LYS C 4 -0.21 13.92 -12.39
CA LYS C 4 -1.64 13.73 -12.82
C LYS C 4 -2.50 14.96 -12.52
N HIS C 5 -2.79 15.75 -13.56
CA HIS C 5 -3.58 16.97 -13.42
C HIS C 5 -5.04 16.68 -13.11
N SER C 6 -5.66 15.77 -13.87
CA SER C 6 -7.10 15.58 -13.73
C SER C 6 -7.49 14.20 -13.17
N ILE C 7 -8.66 14.14 -12.52
CA ILE C 7 -9.25 12.85 -12.19
C ILE C 7 -9.33 11.87 -13.39
N SER C 8 -9.46 12.40 -14.62
CA SER C 8 -9.45 11.55 -15.83
C SER C 8 -8.06 11.07 -16.23
N ASP C 9 -7.04 11.37 -15.42
CA ASP C 9 -5.72 10.75 -15.53
C ASP C 9 -5.57 9.59 -14.55
N TYR C 10 -6.51 9.44 -13.60
CA TYR C 10 -6.62 8.24 -12.73
C TYR C 10 -7.58 7.19 -13.33
N THR C 11 -7.20 5.91 -13.38
CA THR C 11 -8.20 4.83 -13.52
C THR C 11 -9.04 4.89 -12.22
N GLU C 12 -10.22 4.27 -12.27
CA GLU C 12 -11.03 4.07 -11.10
C GLU C 12 -10.22 3.35 -9.98
N ALA C 13 -9.55 2.27 -10.30
CA ALA C 13 -8.82 1.52 -9.29
C ALA C 13 -7.74 2.35 -8.59
N GLU C 14 -7.10 3.26 -9.33
CA GLU C 14 -6.09 4.13 -8.77
C GLU C 14 -6.71 5.16 -7.85
N PHE C 15 -7.86 5.74 -8.22
CA PHE C 15 -8.50 6.74 -7.38
C PHE C 15 -9.00 6.07 -6.09
N LEU C 16 -9.61 4.90 -6.21
CA LEU C 16 -9.93 4.07 -5.06
C LEU C 16 -8.75 3.96 -4.13
N GLU C 17 -7.55 3.68 -4.67
CA GLU C 17 -6.35 3.51 -3.79
C GLU C 17 -5.96 4.82 -3.16
N PHE C 18 -6.10 5.88 -3.92
CA PHE C 18 -5.88 7.25 -3.41
C PHE C 18 -6.82 7.51 -2.23
N VAL C 19 -8.09 7.16 -2.38
CA VAL C 19 -9.08 7.33 -1.27
C VAL C 19 -8.79 6.43 -0.08
N LYS C 20 -8.43 5.17 -0.33
CA LYS C 20 -7.99 4.28 0.75
C LYS C 20 -6.82 4.86 1.52
N ASP C 21 -5.88 5.52 0.83
CA ASP C 21 -4.70 6.03 1.51
C ASP C 21 -5.11 7.10 2.49
N ILE C 22 -6.09 7.94 2.11
CA ILE C 22 -6.59 8.95 3.04
C ILE C 22 -7.09 8.31 4.33
N PHE C 23 -7.82 7.19 4.21
CA PHE C 23 -8.26 6.40 5.39
C PHE C 23 -7.09 5.80 6.21
N ARG C 24 -6.09 5.26 5.51
CA ARG C 24 -4.93 4.63 6.16
C ARG C 24 -3.99 5.59 6.84
N LEU C 25 -3.88 6.79 6.30
CA LEU C 25 -2.87 7.73 6.79
C LEU C 25 -3.37 8.52 8.02
N SER C 26 -3.82 7.76 9.03
CA SER C 26 -4.49 8.27 10.21
C SER C 26 -3.58 8.56 11.40
N ARG C 27 -2.29 8.25 11.28
CA ARG C 27 -1.34 8.56 12.34
C ARG C 27 -0.81 10.00 12.27
N PRO C 28 -0.54 10.65 13.44
CA PRO C 28 0.04 12.00 13.46
C PRO C 28 1.31 12.15 12.61
N GLN C 29 2.11 11.10 12.54
CA GLN C 29 3.30 11.00 11.65
C GLN C 29 2.96 11.05 10.15
N ASP C 30 1.76 10.61 9.78
CA ASP C 30 1.25 10.64 8.40
C ASP C 30 0.62 11.92 7.94
N ASN C 31 0.59 12.90 8.83
CA ASN C 31 -0.30 14.03 8.70
C ASN C 31 -0.01 14.94 7.54
N ASP C 32 1.28 15.22 7.29
CA ASP C 32 1.63 16.03 6.10
C ASP C 32 1.08 15.40 4.80
N LEU C 33 1.30 14.11 4.61
CA LEU C 33 0.76 13.42 3.42
C LEU C 33 -0.79 13.35 3.47
N GLN C 34 -1.39 13.02 4.64
CA GLN C 34 -2.86 12.94 4.73
C GLN C 34 -3.51 14.28 4.32
N ILE C 35 -3.05 15.42 4.88
CA ILE C 35 -3.55 16.71 4.43
C ILE C 35 -3.26 16.95 2.94
N LYS C 36 -2.11 16.52 2.41
CA LYS C 36 -1.89 16.71 0.97
C LYS C 36 -2.86 15.89 0.13
N LEU C 37 -3.21 14.71 0.62
CA LEU C 37 -4.13 13.85 -0.10
C LEU C 37 -5.54 14.44 -0.07
N VAL C 38 -5.99 14.92 1.09
CA VAL C 38 -7.30 15.55 1.16
C VAL C 38 -7.45 16.80 0.24
N LEU C 39 -6.45 17.70 0.24
CA LEU C 39 -6.53 18.91 -0.62
C LEU C 39 -6.55 18.49 -2.08
N GLU C 40 -5.70 17.52 -2.42
CA GLU C 40 -5.70 16.96 -3.77
C GLU C 40 -6.99 16.18 -4.15
N PHE C 41 -7.75 15.68 -3.16
CA PHE C 41 -9.05 15.02 -3.37
C PHE C 41 -10.06 16.07 -3.81
N LYS C 42 -10.12 17.16 -3.08
CA LYS C 42 -10.96 18.32 -3.44
C LYS C 42 -10.76 18.78 -4.92
N ARG C 43 -9.57 19.28 -5.21
CA ARG C 43 -9.17 19.68 -6.52
C ARG C 43 -9.51 18.64 -7.62
N LEU C 44 -9.27 17.35 -7.36
CA LEU C 44 -9.45 16.34 -8.40
C LEU C 44 -10.91 16.07 -8.73
N THR C 45 -11.74 16.03 -7.69
CA THR C 45 -13.14 15.64 -7.86
C THR C 45 -13.99 16.76 -8.46
N GLU C 46 -13.63 18.02 -8.15
CA GLU C 46 -14.41 19.19 -8.54
C GLU C 46 -15.84 19.13 -8.00
N HIS C 47 -16.07 18.32 -6.98
CA HIS C 47 -17.38 18.11 -6.45
C HIS C 47 -17.59 19.21 -5.41
N PRO C 48 -18.85 19.74 -5.30
CA PRO C 48 -19.18 20.81 -4.32
C PRO C 48 -18.83 20.45 -2.86
N ASP C 49 -19.54 19.45 -2.28
CA ASP C 49 -19.29 18.89 -0.91
C ASP C 49 -17.82 18.57 -0.54
N GLY C 50 -16.93 18.43 -1.53
CA GLY C 50 -15.46 18.36 -1.26
C GLY C 50 -15.13 17.26 -0.24
N SER C 51 -14.34 17.59 0.78
CA SER C 51 -13.91 16.58 1.76
C SER C 51 -15.04 15.96 2.58
N ASP C 52 -16.24 16.56 2.57
CA ASP C 52 -17.39 15.94 3.23
C ASP C 52 -17.81 14.63 2.60
N LEU C 53 -17.52 14.44 1.33
CA LEU C 53 -17.68 13.10 0.73
C LEU C 53 -17.03 11.99 1.55
N ILE C 54 -15.85 12.28 2.13
CA ILE C 54 -15.11 11.36 3.00
C ILE C 54 -15.62 11.39 4.44
N TYR C 55 -15.74 12.58 5.00
CA TYR C 55 -15.89 12.72 6.47
C TYR C 55 -17.32 12.93 6.96
N TYR C 56 -18.19 13.45 6.11
CA TYR C 56 -19.63 13.62 6.41
C TYR C 56 -20.48 13.05 5.24
N PRO C 57 -20.42 11.72 5.02
CA PRO C 57 -21.20 11.12 3.97
C PRO C 57 -22.72 11.18 4.20
N ARG C 58 -23.46 11.21 3.10
CA ARG C 58 -24.89 10.99 3.12
C ARG C 58 -25.27 9.60 3.64
N SER C 59 -26.47 9.46 4.19
CA SER C 59 -26.80 8.20 4.91
C SER C 59 -27.27 7.08 4.00
N ASP C 60 -27.58 7.35 2.72
CA ASP C 60 -28.10 6.32 1.80
C ASP C 60 -27.08 5.67 0.85
N ARG C 61 -25.78 5.84 1.13
CA ARG C 61 -24.74 5.03 0.51
C ARG C 61 -23.67 4.71 1.56
N GLU C 62 -22.73 3.87 1.18
CA GLU C 62 -21.85 3.22 2.15
C GLU C 62 -20.78 4.21 2.57
N ASP C 63 -20.44 4.16 3.81
CA ASP C 63 -19.39 5.02 4.34
C ASP C 63 -18.12 4.17 4.22
N SER C 64 -17.52 4.22 3.04
CA SER C 64 -16.33 3.47 2.69
C SER C 64 -15.60 4.10 1.50
N PRO C 65 -14.35 3.70 1.30
CA PRO C 65 -13.68 4.26 0.13
C PRO C 65 -14.39 3.89 -1.19
N GLU C 66 -14.97 2.69 -1.26
CA GLU C 66 -15.75 2.25 -2.39
C GLU C 66 -17.07 3.06 -2.57
N GLY C 67 -17.78 3.35 -1.47
CA GLY C 67 -18.98 4.26 -1.50
C GLY C 67 -18.59 5.67 -1.98
N ILE C 68 -17.43 6.15 -1.53
CA ILE C 68 -17.00 7.47 -1.92
C ILE C 68 -16.72 7.58 -3.41
N VAL C 69 -15.94 6.65 -3.95
CA VAL C 69 -15.61 6.63 -5.38
C VAL C 69 -16.86 6.47 -6.23
N LYS C 70 -17.70 5.51 -5.84
CA LYS C 70 -19.00 5.34 -6.46
C LYS C 70 -19.81 6.63 -6.55
N GLU C 71 -19.92 7.37 -5.44
CA GLU C 71 -20.72 8.58 -5.47
C GLU C 71 -20.08 9.64 -6.40
N ILE C 72 -18.75 9.72 -6.40
CA ILE C 72 -18.05 10.65 -7.28
C ILE C 72 -18.22 10.25 -8.74
N LYS C 73 -18.14 8.96 -9.01
CA LYS C 73 -18.37 8.44 -10.36
C LYS C 73 -19.76 8.84 -10.89
N GLU C 74 -20.82 8.63 -10.09
CA GLU C 74 -22.19 8.86 -10.51
C GLU C 74 -22.57 10.34 -10.60
N TRP C 75 -21.93 11.17 -9.78
CA TRP C 75 -22.14 12.58 -9.83
C TRP C 75 -21.50 13.21 -11.05
N ARG C 76 -20.26 12.84 -11.35
CA ARG C 76 -19.61 13.31 -12.55
C ARG C 76 -20.37 12.92 -13.85
N ALA C 77 -20.85 11.67 -13.90
CA ALA C 77 -21.60 11.19 -15.04
C ALA C 77 -22.87 12.04 -15.28
N ALA C 78 -23.63 12.29 -14.22
CA ALA C 78 -24.92 13.00 -14.34
C ALA C 78 -24.78 14.46 -14.75
N ASN C 79 -23.66 15.09 -14.39
CA ASN C 79 -23.36 16.46 -14.78
C ASN C 79 -22.43 16.53 -16.00
N GLY C 80 -22.38 15.46 -16.82
CA GLY C 80 -21.56 15.40 -18.03
C GLY C 80 -20.09 15.81 -17.92
N LYS C 81 -19.47 15.56 -16.76
CA LYS C 81 -18.03 15.82 -16.57
C LYS C 81 -17.28 14.59 -17.04
N SER C 82 -15.99 14.74 -17.32
CA SER C 82 -15.15 13.65 -17.75
C SER C 82 -15.00 12.59 -16.64
N GLY C 83 -14.95 11.31 -17.06
CA GLY C 83 -14.86 10.16 -16.15
C GLY C 83 -13.44 9.71 -15.92
N PHE C 84 -13.27 8.57 -15.25
CA PHE C 84 -11.95 8.03 -15.00
C PHE C 84 -11.27 7.59 -16.32
N LYS C 85 -9.94 7.53 -16.27
CA LYS C 85 -9.17 6.96 -17.41
C LYS C 85 -9.48 5.45 -17.51
N GLN C 86 -9.14 4.86 -18.65
CA GLN C 86 -9.42 3.43 -18.92
C GLN C 86 -8.26 2.40 -18.72
N GLU D 2 9.05 30.05 29.30
CA GLU D 2 8.34 29.00 28.48
C GLU D 2 6.86 28.80 28.84
N SER D 3 6.02 28.69 27.81
CA SER D 3 4.58 28.49 27.98
C SER D 3 4.33 27.21 28.80
N LYS D 4 3.37 27.30 29.71
CA LYS D 4 2.89 26.16 30.49
C LYS D 4 2.21 25.11 29.56
N ARG D 5 1.73 25.57 28.41
CA ARG D 5 1.27 24.68 27.34
C ARG D 5 2.29 23.60 27.01
N ASN D 6 3.58 23.91 27.09
CA ASN D 6 4.58 22.93 26.61
C ASN D 6 5.26 22.24 27.74
N LYS D 7 4.81 22.48 28.97
CA LYS D 7 5.32 21.83 30.19
C LYS D 7 4.39 20.70 30.65
N PRO D 8 4.93 19.71 31.38
CA PRO D 8 4.12 18.59 31.81
C PRO D 8 3.10 18.92 32.89
N GLY D 9 2.13 18.05 33.08
CA GLY D 9 1.09 18.31 34.04
C GLY D 9 0.09 17.18 34.21
N LYS D 10 -0.62 17.25 35.33
CA LYS D 10 -1.60 16.31 35.72
C LYS D 10 -2.96 16.86 35.21
N ALA D 11 -3.80 15.99 34.63
CA ALA D 11 -5.16 16.43 34.21
C ALA D 11 -6.09 16.54 35.43
N THR D 12 -6.89 17.58 35.49
CA THR D 12 -7.83 17.72 36.60
C THR D 12 -9.23 18.08 36.06
N GLY D 13 -10.21 18.08 36.97
CA GLY D 13 -11.59 18.47 36.68
C GLY D 13 -12.52 17.33 36.25
N LYS D 14 -13.80 17.65 36.15
CA LYS D 14 -14.86 16.68 36.04
C LYS D 14 -15.38 16.56 34.62
N GLY D 15 -15.27 17.62 33.82
CA GLY D 15 -16.00 17.66 32.55
C GLY D 15 -17.51 17.88 32.72
N LYS D 16 -18.28 17.62 31.65
CA LYS D 16 -19.71 17.81 31.62
C LYS D 16 -20.41 16.57 31.06
N PRO D 17 -21.68 16.34 31.46
CA PRO D 17 -22.45 15.24 30.87
C PRO D 17 -22.76 15.58 29.44
N VAL D 18 -22.79 14.57 28.60
CA VAL D 18 -22.84 14.80 27.16
C VAL D 18 -23.69 13.70 26.51
N GLY D 19 -24.26 13.97 25.32
CA GLY D 19 -25.11 12.98 24.62
C GLY D 19 -24.71 12.82 23.18
N ASP D 20 -25.69 12.38 22.38
CA ASP D 20 -25.53 11.99 20.94
C ASP D 20 -25.15 13.15 20.01
N LYS D 21 -25.38 14.40 20.42
CA LYS D 21 -25.08 15.56 19.61
C LYS D 21 -23.90 16.35 20.16
N TRP D 22 -23.11 15.73 21.04
CA TRP D 22 -21.91 16.34 21.61
C TRP D 22 -21.04 17.04 20.56
N LEU D 23 -20.76 16.32 19.44
CA LEU D 23 -19.80 16.77 18.44
C LEU D 23 -20.32 17.93 17.62
N ASP D 24 -21.59 17.88 17.31
CA ASP D 24 -22.36 19.03 16.80
C ASP D 24 -22.18 20.30 17.65
N ASP D 25 -22.25 20.17 18.97
CA ASP D 25 -22.03 21.30 19.85
C ASP D 25 -20.66 21.95 19.64
N ALA D 26 -19.67 21.17 19.18
CA ALA D 26 -18.35 21.67 18.94
C ALA D 26 -18.30 22.78 17.89
N GLY D 27 -19.21 22.73 16.93
CA GLY D 27 -19.34 23.80 15.92
C GLY D 27 -20.35 24.89 16.26
N LYS D 28 -20.87 24.90 17.48
CA LYS D 28 -21.67 26.03 17.98
C LYS D 28 -20.89 26.89 18.97
N ASP D 29 -21.39 28.07 19.26
CA ASP D 29 -20.60 29.04 20.05
C ASP D 29 -20.09 28.40 21.33
N SER D 30 -18.81 28.64 21.60
CA SER D 30 -18.11 28.15 22.78
C SER D 30 -17.71 26.64 22.72
N GLY D 31 -17.99 25.96 21.59
CA GLY D 31 -17.65 24.55 21.40
C GLY D 31 -18.33 23.58 22.36
N ALA D 32 -17.74 22.40 22.52
CA ALA D 32 -18.26 21.33 23.38
C ALA D 32 -17.27 21.11 24.55
N PRO D 33 -17.81 20.68 25.72
CA PRO D 33 -16.93 20.38 26.86
C PRO D 33 -16.27 19.01 26.71
N ILE D 34 -15.31 18.74 27.57
CA ILE D 34 -14.75 17.41 27.69
C ILE D 34 -15.87 16.60 28.30
N PRO D 35 -16.27 15.48 27.67
CA PRO D 35 -17.26 14.61 28.30
C PRO D 35 -16.81 14.05 29.67
N ASP D 36 -17.71 14.07 30.66
CA ASP D 36 -17.38 13.60 31.99
C ASP D 36 -16.80 12.18 32.03
N ARG D 37 -17.31 11.27 31.21
CA ARG D 37 -16.77 9.92 31.20
C ARG D 37 -15.36 9.80 30.63
N ILE D 38 -14.99 10.67 29.71
CA ILE D 38 -13.60 10.80 29.26
C ILE D 38 -12.72 11.47 30.34
N ALA D 39 -13.22 12.48 31.05
CA ALA D 39 -12.44 13.11 32.14
C ALA D 39 -12.11 12.10 33.24
N ASP D 40 -13.06 11.22 33.56
CA ASP D 40 -12.87 10.12 34.52
C ASP D 40 -11.73 9.18 34.13
N LYS D 41 -11.48 9.00 32.84
CA LYS D 41 -10.39 8.16 32.35
C LYS D 41 -9.08 8.91 32.35
N LEU D 42 -9.10 10.24 32.22
CA LEU D 42 -7.85 11.03 32.15
C LEU D 42 -7.45 11.74 33.47
N ARG D 43 -8.38 11.87 34.43
CA ARG D 43 -8.17 12.69 35.63
C ARG D 43 -6.77 12.61 36.23
N ASP D 44 -6.34 11.56 36.88
CA ASP D 44 -5.01 11.82 37.59
C ASP D 44 -3.76 11.51 36.79
N LYS D 45 -3.91 11.26 35.50
CA LYS D 45 -2.78 11.02 34.61
C LYS D 45 -1.93 12.27 34.31
N GLU D 46 -0.66 12.00 34.01
CA GLU D 46 0.33 13.03 33.63
C GLU D 46 0.56 13.05 32.13
N PHE D 47 0.79 14.23 31.61
CA PHE D 47 1.03 14.42 30.20
C PHE D 47 2.28 15.27 30.06
N LYS D 48 3.01 15.06 28.97
CA LYS D 48 4.29 15.72 28.75
C LYS D 48 4.10 17.19 28.35
N ASN D 49 3.10 17.40 27.50
CA ASN D 49 2.74 18.73 27.00
C ASN D 49 1.25 18.67 26.61
N PHE D 50 0.66 19.79 26.17
CA PHE D 50 -0.74 19.79 25.79
C PHE D 50 -1.01 18.81 24.63
N ASP D 51 -0.10 18.74 23.68
CA ASP D 51 -0.26 17.89 22.51
C ASP D 51 -0.40 16.41 22.90
N ASP D 52 0.42 15.95 23.83
CA ASP D 52 0.26 14.60 24.40
C ASP D 52 -1.19 14.44 24.96
N PHE D 53 -1.73 15.46 25.65
CA PHE D 53 -3.10 15.40 26.17
C PHE D 53 -4.08 15.26 25.03
N ARG D 54 -3.90 16.06 23.97
CA ARG D 54 -4.79 16.08 22.79
C ARG D 54 -4.88 14.70 22.17
N LYS D 55 -3.72 14.08 21.92
CA LYS D 55 -3.64 12.73 21.35
C LYS D 55 -4.40 11.67 22.17
N LYS D 56 -4.10 11.65 23.46
CA LYS D 56 -4.70 10.73 24.40
C LYS D 56 -6.19 10.97 24.53
N PHE D 57 -6.60 12.22 24.55
CA PHE D 57 -8.01 12.55 24.53
C PHE D 57 -8.77 11.91 23.35
N TRP D 58 -8.24 12.11 22.16
CA TRP D 58 -8.90 11.59 20.96
C TRP D 58 -8.95 10.08 20.97
N LYS D 59 -7.87 9.45 21.44
CA LYS D 59 -7.88 7.96 21.65
C LYS D 59 -8.94 7.48 22.59
N GLU D 60 -9.13 8.20 23.69
CA GLU D 60 -10.17 7.90 24.64
C GLU D 60 -11.59 8.07 24.09
N VAL D 61 -11.83 9.14 23.33
CA VAL D 61 -13.08 9.33 22.62
C VAL D 61 -13.38 8.14 21.66
N ALA D 62 -12.34 7.63 21.00
CA ALA D 62 -12.47 6.50 20.10
C ALA D 62 -12.96 5.19 20.80
N LYS D 63 -12.63 5.03 22.06
CA LYS D 63 -13.04 3.80 22.82
C LYS D 63 -14.45 3.85 23.43
N ASP D 64 -15.13 4.96 23.29
CA ASP D 64 -16.47 5.14 23.86
C ASP D 64 -17.49 5.13 22.70
N PRO D 65 -18.30 4.09 22.60
CA PRO D 65 -19.08 3.93 21.36
C PRO D 65 -20.12 5.04 21.07
N ASP D 66 -20.70 5.61 22.10
CA ASP D 66 -21.62 6.73 21.93
C ASP D 66 -20.93 8.04 21.54
N LEU D 67 -19.61 8.12 21.66
CA LEU D 67 -18.88 9.24 21.07
C LEU D 67 -18.41 8.89 19.67
N ALA D 68 -17.71 7.77 19.57
CA ALA D 68 -17.13 7.30 18.33
C ALA D 68 -18.18 7.20 17.23
N LYS D 69 -19.42 6.81 17.57
CA LYS D 69 -20.48 6.73 16.55
C LYS D 69 -20.82 8.10 15.87
N GLN D 70 -20.37 9.23 16.44
CA GLN D 70 -20.64 10.56 15.89
C GLN D 70 -19.61 10.96 14.83
N PHE D 71 -18.60 10.14 14.61
CA PHE D 71 -17.67 10.31 13.52
C PHE D 71 -17.93 9.29 12.46
N SER D 72 -17.62 9.65 11.21
CA SER D 72 -17.51 8.68 10.07
C SER D 72 -16.33 7.70 10.22
N LYS D 73 -16.30 6.65 9.39
CA LYS D 73 -15.23 5.62 9.49
C LYS D 73 -13.81 6.14 9.36
N ALA D 74 -13.61 7.09 8.47
CA ALA D 74 -12.31 7.73 8.27
C ALA D 74 -11.90 8.52 9.49
N ASN D 75 -12.85 9.20 10.12
CA ASN D 75 -12.50 9.96 11.30
C ASN D 75 -12.33 9.07 12.49
N GLN D 76 -13.09 7.98 12.60
CA GLN D 76 -12.88 6.95 13.66
C GLN D 76 -11.47 6.42 13.62
N ARG D 77 -10.95 6.25 12.40
CA ARG D 77 -9.56 5.86 12.20
C ARG D 77 -8.61 6.90 12.69
N ASN D 78 -8.90 8.16 12.36
CA ASN D 78 -8.10 9.30 12.87
C ASN D 78 -8.03 9.30 14.40
N ILE D 79 -9.19 9.31 15.07
CA ILE D 79 -9.21 9.45 16.55
C ILE D 79 -8.64 8.24 17.30
N LYS D 80 -8.78 7.02 16.75
CA LYS D 80 -8.15 5.82 17.30
C LYS D 80 -6.61 5.99 17.41
N ASP D 81 -5.96 6.67 16.47
CA ASP D 81 -4.54 6.93 16.51
C ASP D 81 -4.15 8.32 17.12
N GLY D 82 -5.08 8.99 17.80
CA GLY D 82 -4.82 10.27 18.45
C GLY D 82 -4.69 11.43 17.49
N ASN D 83 -5.25 11.30 16.30
CA ASN D 83 -5.14 12.31 15.27
C ASN D 83 -6.49 13.08 15.19
N ALA D 84 -6.37 14.40 15.16
CA ALA D 84 -7.52 15.33 15.16
C ALA D 84 -8.47 14.92 14.07
N PRO D 85 -9.76 14.71 14.38
CA PRO D 85 -10.71 14.40 13.27
C PRO D 85 -10.97 15.62 12.39
N PHE D 86 -11.21 15.37 11.11
CA PHE D 86 -11.52 16.44 10.15
C PHE D 86 -12.87 17.03 10.42
N ALA D 87 -12.94 18.36 10.26
CA ALA D 87 -14.20 19.07 10.39
C ALA D 87 -14.91 19.13 9.04
N ARG D 88 -16.20 19.45 9.08
CA ARG D 88 -17.00 19.53 7.89
C ARG D 88 -16.63 20.81 7.17
N GLU D 89 -16.83 20.84 5.85
CA GLU D 89 -16.23 21.88 4.99
C GLU D 89 -16.58 23.33 5.36
N SER D 90 -17.84 23.59 5.74
CA SER D 90 -18.24 24.96 6.11
C SER D 90 -17.81 25.40 7.51
N ASP D 91 -17.15 24.50 8.26
CA ASP D 91 -16.54 24.78 9.56
C ASP D 91 -15.03 24.94 9.49
N GLN D 92 -14.47 24.71 8.31
CA GLN D 92 -13.08 24.87 8.13
C GLN D 92 -12.72 26.32 7.79
N VAL D 93 -11.49 26.69 8.16
CA VAL D 93 -10.96 28.01 7.89
C VAL D 93 -9.51 27.88 7.43
N GLY D 94 -9.29 28.08 6.12
CA GLY D 94 -7.94 28.18 5.57
C GLY D 94 -7.31 26.83 5.60
N GLY D 95 -6.13 26.75 6.19
CA GLY D 95 -5.40 25.49 6.37
C GLY D 95 -5.84 24.65 7.58
N ARG D 96 -6.69 25.22 8.44
CA ARG D 96 -7.22 24.54 9.63
C ARG D 96 -8.51 23.77 9.29
N THR D 97 -8.37 22.46 9.21
CA THR D 97 -9.39 21.55 8.67
C THR D 97 -10.00 20.56 9.71
N THR D 98 -9.43 20.55 10.91
CA THR D 98 -9.73 19.58 11.91
C THR D 98 -10.29 20.25 13.20
N TYR D 99 -11.03 19.46 13.98
CA TYR D 99 -11.41 19.82 15.32
C TYR D 99 -10.17 20.13 16.17
N GLU D 100 -10.32 21.13 17.05
CA GLU D 100 -9.23 21.73 17.82
C GLU D 100 -9.59 21.73 19.31
N LEU D 101 -8.58 21.55 20.17
CA LEU D 101 -8.74 21.73 21.63
C LEU D 101 -8.21 23.08 22.01
N HIS D 102 -9.05 23.88 22.68
CA HIS D 102 -8.71 25.23 23.14
C HIS D 102 -9.09 25.41 24.60
N HIS D 103 -8.73 26.56 25.16
CA HIS D 103 -8.93 26.81 26.55
C HIS D 103 -9.88 27.95 26.70
N ASP D 104 -10.99 27.71 27.38
CA ASP D 104 -12.05 28.70 27.63
C ASP D 104 -11.42 29.93 28.28
N LYS D 105 -10.87 29.78 29.50
CA LYS D 105 -10.00 30.82 30.06
C LYS D 105 -8.62 30.59 29.49
N PRO D 106 -8.11 31.53 28.66
CA PRO D 106 -6.89 31.20 27.89
C PRO D 106 -5.67 31.04 28.75
N ILE D 107 -4.72 30.26 28.26
CA ILE D 107 -3.50 29.95 28.99
C ILE D 107 -2.66 31.20 29.28
N SER D 108 -2.61 32.13 28.34
CA SER D 108 -1.84 33.36 28.52
C SER D 108 -2.43 34.21 29.67
N GLN D 109 -3.72 34.06 29.99
CA GLN D 109 -4.29 34.53 31.29
C GLN D 109 -4.28 33.48 32.43
N ASP D 110 -3.31 32.57 32.39
CA ASP D 110 -3.18 31.45 33.34
C ASP D 110 -4.44 30.53 33.58
N GLY D 111 -5.25 30.29 32.56
CA GLY D 111 -6.24 29.22 32.65
C GLY D 111 -5.52 27.88 32.72
N GLY D 112 -6.10 26.92 33.42
CA GLY D 112 -5.48 25.60 33.53
C GLY D 112 -5.26 24.90 32.18
N VAL D 113 -4.03 24.45 31.91
CA VAL D 113 -3.66 23.72 30.67
C VAL D 113 -4.33 22.36 30.56
N TYR D 114 -4.35 21.65 31.69
CA TYR D 114 -4.95 20.32 31.79
C TYR D 114 -6.23 20.34 32.61
N ASP D 115 -6.80 21.52 32.84
CA ASP D 115 -8.08 21.63 33.50
C ASP D 115 -9.22 21.24 32.51
N MET D 116 -9.88 20.13 32.74
CA MET D 116 -10.92 19.58 31.81
C MET D 116 -12.31 20.22 31.96
N ASN D 117 -12.41 21.14 32.92
CA ASN D 117 -13.54 22.07 33.04
C ASN D 117 -13.28 23.30 32.14
N ASN D 118 -12.04 23.48 31.68
CA ASN D 118 -11.63 24.66 30.93
C ASN D 118 -11.38 24.32 29.46
N ILE D 119 -11.22 23.05 29.10
CA ILE D 119 -10.83 22.73 27.71
C ILE D 119 -12.11 22.60 26.91
N ARG D 120 -12.13 23.16 25.72
CA ARG D 120 -13.25 23.01 24.81
C ARG D 120 -12.76 22.49 23.47
N VAL D 121 -13.60 21.63 22.87
CA VAL D 121 -13.46 21.10 21.54
C VAL D 121 -14.26 21.98 20.60
N THR D 122 -13.62 22.49 19.55
CA THR D 122 -14.25 23.43 18.65
C THR D 122 -13.92 23.08 17.23
N THR D 123 -14.81 23.48 16.31
CA THR D 123 -14.41 23.54 14.93
C THR D 123 -13.41 24.71 14.76
N PRO D 124 -12.66 24.74 13.64
CA PRO D 124 -11.80 25.88 13.33
C PRO D 124 -12.54 27.21 13.30
N LYS D 125 -13.74 27.19 12.74
CA LYS D 125 -14.63 28.33 12.69
C LYS D 125 -14.86 28.92 14.08
N ARG D 126 -15.21 28.07 15.05
CA ARG D 126 -15.48 28.53 16.41
C ARG D 126 -14.29 28.75 17.27
N ALA D 127 -13.10 28.42 16.80
CA ALA D 127 -11.90 28.68 17.61
C ALA D 127 -11.57 30.19 17.75
N ILE D 128 -12.17 31.05 16.92
CA ILE D 128 -11.86 32.51 16.93
C ILE D 128 -12.40 33.21 18.18
N ASP D 129 -13.51 32.69 18.71
CA ASP D 129 -14.14 33.18 19.94
C ASP D 129 -13.52 32.46 21.17
N ILE D 130 -12.70 33.22 21.91
CA ILE D 130 -12.03 32.77 23.16
C ILE D 130 -12.81 33.33 24.34
P PO4 E . 7.47 -10.16 5.38
O1 PO4 E . 6.39 -9.53 6.25
O2 PO4 E . 7.99 -9.09 4.48
O3 PO4 E . 6.79 -11.14 4.49
O4 PO4 E . 8.57 -10.70 6.29
#